data_7NFH
#
_entry.id   7NFH
#
_cell.length_a   77.920
_cell.length_b   77.920
_cell.length_c   100.020
_cell.angle_alpha   90.000
_cell.angle_beta   90.000
_cell.angle_gamma   120.000
#
_symmetry.space_group_name_H-M   'P 31 2 1'
#
loop_
_entity.id
_entity.type
_entity.pdbx_description
1 polymer CC-Type2-(MaId)4
2 non-polymer '2-(N-MORPHOLINO)-ETHANESULFONIC ACID'
3 water water
#
_entity_poly.entity_id   1
_entity_poly.type   'polypeptide(L)'
_entity_poly.pdbx_seq_one_letter_code
;(ACE)GEIAQAMKEIAKAMKEIAWAMKEIAQAMKG(NH2)
;
_entity_poly.pdbx_strand_id   A,B,C,D,E,F,G
#
loop_
_chem_comp.id
_chem_comp.type
_chem_comp.name
_chem_comp.formula
ACE non-polymer 'ACETYL GROUP' 'C2 H4 O'
MES non-polymer '2-(N-MORPHOLINO)-ETHANESULFONIC ACID' 'C6 H13 N O4 S'
NH2 non-polymer 'AMINO GROUP' 'H2 N'
#
# COMPACT_ATOMS: atom_id res chain seq x y z
C ACE A 1 -19.59 13.90 -8.51
O ACE A 1 -18.79 14.65 -9.05
CH3 ACE A 1 -20.60 13.05 -9.26
N GLY A 2 -19.69 13.72 -7.19
CA GLY A 2 -18.81 14.52 -6.40
C GLY A 2 -17.40 13.99 -6.48
N GLU A 3 -16.44 14.88 -6.22
CA GLU A 3 -15.01 14.55 -6.39
C GLU A 3 -14.62 13.54 -5.32
N ILE A 4 -15.20 13.56 -4.12
CA ILE A 4 -14.73 12.60 -3.06
C ILE A 4 -15.21 11.19 -3.42
N ALA A 5 -16.48 11.03 -3.81
CA ALA A 5 -17.03 9.71 -4.23
C ALA A 5 -16.26 9.17 -5.44
N GLN A 6 -15.91 10.03 -6.41
CA GLN A 6 -15.15 9.62 -7.62
C GLN A 6 -13.74 9.11 -7.18
N ALA A 7 -13.04 9.87 -6.34
CA ALA A 7 -11.72 9.47 -5.81
C ALA A 7 -11.82 8.08 -5.14
N MET A 8 -12.83 7.84 -4.34
CA MET A 8 -12.97 6.53 -3.65
CA MET A 8 -12.96 6.53 -3.65
C MET A 8 -13.23 5.41 -4.67
N LYS A 9 -14.01 5.69 -5.72
CA LYS A 9 -14.28 4.68 -6.79
CA LYS A 9 -14.28 4.68 -6.79
C LYS A 9 -12.97 4.34 -7.52
N GLU A 10 -12.14 5.35 -7.81
CA GLU A 10 -10.84 5.14 -8.50
C GLU A 10 -9.85 4.39 -7.60
N ILE A 11 -9.79 4.77 -6.33
CA ILE A 11 -8.97 4.00 -5.35
C ILE A 11 -9.37 2.51 -5.35
N ALA A 12 -10.67 2.19 -5.35
CA ALA A 12 -11.18 0.80 -5.33
C ALA A 12 -10.78 0.04 -6.60
N LYS A 13 -10.97 0.63 -7.78
CA LYS A 13 -10.59 -0.04 -9.04
C LYS A 13 -9.07 -0.33 -9.03
N ALA A 14 -8.24 0.64 -8.62
CA ALA A 14 -6.78 0.51 -8.59
C ALA A 14 -6.37 -0.60 -7.62
N MET A 15 -7.00 -0.68 -6.46
CA MET A 15 -6.62 -1.72 -5.46
C MET A 15 -6.99 -3.10 -6.04
N LYS A 16 -8.11 -3.22 -6.77
CA LYS A 16 -8.51 -4.49 -7.42
C LYS A 16 -7.43 -4.92 -8.42
N GLU A 17 -6.91 -3.97 -9.22
CA GLU A 17 -5.81 -4.26 -10.18
C GLU A 17 -4.52 -4.65 -9.45
N ILE A 18 -4.15 -3.97 -8.38
CA ILE A 18 -2.95 -4.33 -7.55
C ILE A 18 -3.09 -5.76 -7.03
N ALA A 19 -4.26 -6.13 -6.50
CA ALA A 19 -4.54 -7.50 -5.99
C ALA A 19 -4.34 -8.52 -7.12
N TRP A 20 -4.84 -8.26 -8.34
CA TRP A 20 -4.63 -9.16 -9.49
C TRP A 20 -3.12 -9.36 -9.76
N ALA A 21 -2.36 -8.27 -9.85
CA ALA A 21 -0.90 -8.27 -10.11
C ALA A 21 -0.15 -9.03 -9.00
N MET A 22 -0.48 -8.78 -7.75
CA MET A 22 0.20 -9.50 -6.63
C MET A 22 -0.08 -11.00 -6.70
N LYS A 23 -1.30 -11.43 -7.09
CA LYS A 23 -1.61 -12.87 -7.23
CA LYS A 23 -1.63 -12.87 -7.24
C LYS A 23 -0.74 -13.48 -8.35
N GLU A 24 -0.58 -12.78 -9.47
CA GLU A 24 0.28 -13.25 -10.59
C GLU A 24 1.72 -13.47 -10.09
N ILE A 25 2.28 -12.46 -9.41
CA ILE A 25 3.66 -12.51 -8.87
C ILE A 25 3.76 -13.67 -7.88
N ALA A 26 2.80 -13.84 -6.97
CA ALA A 26 2.78 -15.01 -6.04
C ALA A 26 2.76 -16.35 -6.80
N GLN A 27 1.97 -16.50 -7.86
CA GLN A 27 1.90 -17.75 -8.66
C GLN A 27 3.30 -18.00 -9.30
N ALA A 28 4.00 -16.95 -9.73
CA ALA A 28 5.33 -17.10 -10.39
C ALA A 28 6.33 -17.68 -9.39
N MET A 29 6.19 -17.33 -8.12
CA MET A 29 7.23 -17.62 -7.09
CA MET A 29 7.23 -17.62 -7.09
C MET A 29 6.83 -18.82 -6.25
N LYS A 30 5.63 -19.38 -6.47
CA LYS A 30 5.06 -20.53 -5.71
C LYS A 30 5.69 -21.86 -6.16
N GLY A 31 6.07 -22.66 -5.14
CA GLY A 31 7.17 -23.62 -5.17
C GLY A 31 8.34 -23.03 -4.40
C ACE B 1 -9.89 23.31 -3.04
O ACE B 1 -8.75 23.53 -2.76
CH3 ACE B 1 -10.44 23.69 -4.36
N GLY B 2 -10.75 22.70 -2.20
CA GLY B 2 -10.34 22.47 -0.82
C GLY B 2 -9.26 21.41 -0.72
N GLU B 3 -8.48 21.48 0.33
CA GLU B 3 -7.23 20.71 0.43
C GLU B 3 -7.55 19.22 0.68
N ILE B 4 -8.65 18.84 1.38
CA ILE B 4 -8.97 17.41 1.60
CA ILE B 4 -9.05 17.42 1.62
C ILE B 4 -9.44 16.79 0.28
N ALA B 5 -10.31 17.45 -0.47
CA ALA B 5 -10.71 16.96 -1.81
C ALA B 5 -9.48 16.81 -2.71
N GLN B 6 -8.56 17.78 -2.70
CA GLN B 6 -7.35 17.74 -3.56
C GLN B 6 -6.47 16.53 -3.18
N ALA B 7 -6.20 16.36 -1.89
CA ALA B 7 -5.46 15.20 -1.38
C ALA B 7 -6.06 13.89 -1.91
N MET B 8 -7.38 13.70 -1.81
CA MET B 8 -8.06 12.45 -2.25
CA MET B 8 -8.02 12.44 -2.24
C MET B 8 -7.87 12.26 -3.76
N LYS B 9 -7.95 13.34 -4.53
CA LYS B 9 -7.77 13.21 -5.99
CA LYS B 9 -7.77 13.23 -5.99
C LYS B 9 -6.33 12.77 -6.28
N GLU B 10 -5.35 13.38 -5.61
CA GLU B 10 -3.89 13.07 -5.78
C GLU B 10 -3.66 11.59 -5.36
N ILE B 11 -4.29 11.13 -4.27
CA ILE B 11 -4.10 9.73 -3.83
C ILE B 11 -4.68 8.79 -4.90
N ALA B 12 -5.86 9.11 -5.46
CA ALA B 12 -6.47 8.30 -6.53
C ALA B 12 -5.57 8.26 -7.78
N LYS B 13 -5.00 9.39 -8.20
CA LYS B 13 -4.12 9.43 -9.39
C LYS B 13 -2.88 8.54 -9.16
N ALA B 14 -2.26 8.67 -8.00
CA ALA B 14 -1.08 7.86 -7.60
C ALA B 14 -1.39 6.36 -7.59
N MET B 15 -2.52 5.93 -7.01
CA MET B 15 -2.93 4.49 -6.93
C MET B 15 -3.13 3.94 -8.35
N LYS B 16 -3.66 4.74 -9.27
CA LYS B 16 -3.79 4.28 -10.68
C LYS B 16 -2.39 4.00 -11.29
N GLU B 17 -1.42 4.87 -11.03
CA GLU B 17 -0.03 4.71 -11.57
CA GLU B 17 -0.02 4.73 -11.55
C GLU B 17 0.66 3.52 -10.91
N ILE B 18 0.48 3.35 -9.59
CA ILE B 18 1.01 2.14 -8.90
C ILE B 18 0.41 0.86 -9.49
N ALA B 19 -0.91 0.82 -9.75
CA ALA B 19 -1.58 -0.35 -10.32
C ALA B 19 -1.04 -0.66 -11.73
N TRP B 20 -0.85 0.36 -12.58
CA TRP B 20 -0.26 0.20 -13.93
C TRP B 20 1.15 -0.43 -13.85
N ALA B 21 2.04 0.13 -13.02
CA ALA B 21 3.43 -0.33 -12.79
C ALA B 21 3.43 -1.78 -12.27
N MET B 22 2.57 -2.12 -11.32
CA MET B 22 2.57 -3.50 -10.74
C MET B 22 2.10 -4.51 -11.81
N LYS B 23 1.17 -4.14 -12.69
CA LYS B 23 0.82 -5.05 -13.83
C LYS B 23 2.02 -5.27 -14.77
N GLU B 24 2.83 -4.24 -15.07
CA GLU B 24 4.07 -4.42 -15.90
C GLU B 24 5.07 -5.37 -15.19
N ILE B 25 5.28 -5.17 -13.90
CA ILE B 25 6.16 -6.08 -13.10
C ILE B 25 5.67 -7.54 -13.20
N ALA B 26 4.36 -7.79 -12.97
CA ALA B 26 3.71 -9.12 -13.09
C ALA B 26 3.91 -9.67 -14.50
N GLN B 27 3.76 -8.84 -15.54
CA GLN B 27 3.95 -9.32 -16.94
C GLN B 27 5.41 -9.86 -17.10
N ALA B 28 6.41 -9.12 -16.60
CA ALA B 28 7.85 -9.45 -16.68
C ALA B 28 8.08 -10.77 -15.93
N MET B 29 7.29 -11.06 -14.88
CA MET B 29 7.56 -12.23 -13.98
CA MET B 29 7.58 -12.25 -14.02
C MET B 29 6.74 -13.46 -14.43
N LYS B 30 5.84 -13.29 -15.40
CA LYS B 30 4.88 -14.33 -15.84
C LYS B 30 5.47 -15.16 -16.98
N GLY B 31 5.44 -16.49 -16.81
CA GLY B 31 5.89 -17.49 -17.81
C GLY B 31 4.71 -18.15 -18.50
C ACE C 1 -16.38 0.06 19.97
O ACE C 1 -15.44 -0.65 20.18
CH3 ACE C 1 -17.80 -0.32 20.40
N GLY C 2 -16.28 1.23 19.38
CA GLY C 2 -14.97 1.75 19.01
C GLY C 2 -14.47 1.11 17.72
N GLU C 3 -15.39 0.68 16.86
CA GLU C 3 -15.05 -0.08 15.62
C GLU C 3 -14.12 0.75 14.72
N ILE C 4 -14.40 2.06 14.49
CA ILE C 4 -13.58 2.95 13.62
C ILE C 4 -12.25 3.27 14.33
N ALA C 5 -12.28 3.67 15.59
CA ALA C 5 -11.04 3.99 16.34
C ALA C 5 -10.08 2.79 16.32
N GLN C 6 -10.59 1.56 16.58
N GLN C 6 -10.58 1.57 16.59
CA GLN C 6 -9.74 0.34 16.72
CA GLN C 6 -9.72 0.35 16.71
C GLN C 6 -9.13 0.01 15.35
C GLN C 6 -9.12 0.03 15.35
N ALA C 7 -9.95 0.00 14.28
CA ALA C 7 -9.45 -0.21 12.91
C ALA C 7 -8.30 0.79 12.60
N MET C 8 -8.47 2.08 12.88
CA MET C 8 -7.47 3.12 12.52
CA MET C 8 -7.47 3.11 12.50
C MET C 8 -6.19 2.91 13.34
N LYS C 9 -6.31 2.52 14.61
CA LYS C 9 -5.10 2.25 15.41
C LYS C 9 -4.30 1.05 14.84
N GLU C 10 -4.97 -0.06 14.47
CA GLU C 10 -4.34 -1.28 13.89
C GLU C 10 -3.74 -0.93 12.52
N ILE C 11 -4.44 -0.17 11.68
CA ILE C 11 -3.89 0.25 10.36
C ILE C 11 -2.60 1.05 10.63
N ALA C 12 -2.59 1.97 11.59
CA ALA C 12 -1.41 2.84 11.86
C ALA C 12 -0.23 1.98 12.32
N LYS C 13 -0.45 1.05 13.24
CA LYS C 13 0.65 0.19 13.75
C LYS C 13 1.17 -0.71 12.61
N ALA C 14 0.28 -1.34 11.83
CA ALA C 14 0.68 -2.14 10.65
C ALA C 14 1.53 -1.27 9.70
N MET C 15 1.13 -0.03 9.42
CA MET C 15 1.90 0.80 8.47
C MET C 15 3.29 1.14 9.06
N LYS C 16 3.42 1.34 10.38
CA LYS C 16 4.77 1.55 10.96
C LYS C 16 5.66 0.31 10.75
N GLU C 17 5.10 -0.89 10.88
CA GLU C 17 5.89 -2.15 10.68
C GLU C 17 6.24 -2.32 9.19
N ILE C 18 5.32 -2.01 8.29
CA ILE C 18 5.63 -2.05 6.84
C ILE C 18 6.80 -1.10 6.55
N ALA C 19 6.81 0.11 7.12
CA ALA C 19 7.87 1.13 6.89
C ALA C 19 9.23 0.63 7.41
N TRP C 20 9.27 0.00 8.60
CA TRP C 20 10.52 -0.57 9.17
C TRP C 20 11.09 -1.61 8.18
N ALA C 21 10.24 -2.53 7.72
CA ALA C 21 10.60 -3.65 6.84
C ALA C 21 11.10 -3.09 5.50
N MET C 22 10.42 -2.10 4.92
CA MET C 22 10.88 -1.52 3.62
C MET C 22 12.24 -0.81 3.80
N LYS C 23 12.50 -0.16 4.94
CA LYS C 23 13.83 0.45 5.23
C LYS C 23 14.92 -0.65 5.29
N GLU C 24 14.63 -1.83 5.88
CA GLU C 24 15.61 -2.94 5.97
C GLU C 24 15.98 -3.44 4.56
N ILE C 25 14.98 -3.66 3.72
CA ILE C 25 15.14 -4.12 2.32
C ILE C 25 15.96 -3.06 1.56
N ALA C 26 15.59 -1.78 1.63
CA ALA C 26 16.37 -0.68 1.01
C ALA C 26 17.84 -0.72 1.47
N GLN C 27 18.10 -0.87 2.76
CA GLN C 27 19.49 -0.93 3.30
C GLN C 27 20.26 -2.15 2.74
N ALA C 28 19.63 -3.32 2.61
CA ALA C 28 20.25 -4.52 1.97
C ALA C 28 20.64 -4.21 0.52
N MET C 29 19.86 -3.41 -0.19
CA MET C 29 20.05 -3.23 -1.65
CA MET C 29 20.02 -3.20 -1.66
C MET C 29 20.87 -1.98 -2.02
N LYS C 30 21.23 -1.15 -1.02
CA LYS C 30 21.92 0.13 -1.32
C LYS C 30 23.44 -0.04 -1.29
N GLY C 31 24.11 0.59 -2.26
CA GLY C 31 25.59 0.55 -2.38
C GLY C 31 26.25 1.44 -1.35
C ACE D 1 -3.57 23.10 10.61
O ACE D 1 -2.90 22.96 11.65
CH3 ACE D 1 -3.14 24.08 9.52
N GLY D 2 -4.74 22.48 10.35
CA GLY D 2 -5.13 21.36 11.23
C GLY D 2 -4.32 20.10 10.92
N GLU D 3 -4.16 19.26 11.94
CA GLU D 3 -3.35 18.03 11.86
C GLU D 3 -3.98 17.03 10.87
N ILE D 4 -5.30 16.87 10.76
CA ILE D 4 -5.91 15.88 9.81
C ILE D 4 -5.70 16.35 8.36
N ALA D 5 -5.91 17.62 8.05
CA ALA D 5 -5.64 18.16 6.69
C ALA D 5 -4.14 18.01 6.35
N GLN D 6 -3.25 18.27 7.30
CA GLN D 6 -1.78 18.21 7.01
C GLN D 6 -1.38 16.73 6.81
N ALA D 7 -1.96 15.80 7.59
CA ALA D 7 -1.70 14.35 7.39
C ALA D 7 -2.16 13.94 5.98
N MET D 8 -3.33 14.35 5.56
CA MET D 8 -3.84 13.98 4.21
CA MET D 8 -3.84 13.96 4.21
C MET D 8 -2.91 14.53 3.11
N LYS D 9 -2.38 15.71 3.30
CA LYS D 9 -1.48 16.35 2.29
C LYS D 9 -0.15 15.56 2.22
N GLU D 10 0.40 15.14 3.36
CA GLU D 10 1.64 14.34 3.46
C GLU D 10 1.43 12.93 2.87
N ILE D 11 0.25 12.27 3.12
CA ILE D 11 -0.12 10.96 2.52
C ILE D 11 -0.16 11.11 0.97
N ALA D 12 -0.72 12.21 0.46
CA ALA D 12 -0.80 12.39 -1.01
C ALA D 12 0.61 12.59 -1.61
N LYS D 13 1.48 13.40 -0.98
CA LYS D 13 2.86 13.61 -1.48
C LYS D 13 3.66 12.30 -1.44
N ALA D 14 3.61 11.55 -0.36
CA ALA D 14 4.29 10.24 -0.28
C ALA D 14 3.79 9.27 -1.38
N MET D 15 2.48 9.18 -1.60
CA MET D 15 1.84 8.25 -2.59
C MET D 15 2.34 8.62 -3.99
N LYS D 16 2.47 9.91 -4.27
N LYS D 16 2.45 9.92 -4.28
CA LYS D 16 2.98 10.39 -5.58
CA LYS D 16 3.00 10.41 -5.57
C LYS D 16 4.46 9.98 -5.77
C LYS D 16 4.45 9.95 -5.76
N GLU D 17 5.27 10.03 -4.70
CA GLU D 17 6.69 9.59 -4.73
C GLU D 17 6.77 8.06 -4.90
N ILE D 18 5.88 7.29 -4.24
CA ILE D 18 5.81 5.81 -4.36
C ILE D 18 5.43 5.42 -5.79
N ALA D 19 4.49 6.16 -6.37
CA ALA D 19 4.07 5.95 -7.78
C ALA D 19 5.26 6.15 -8.74
N TRP D 20 6.04 7.20 -8.56
CA TRP D 20 7.25 7.50 -9.36
C TRP D 20 8.28 6.34 -9.25
N ALA D 21 8.61 5.92 -8.03
CA ALA D 21 9.53 4.81 -7.73
C ALA D 21 9.07 3.50 -8.41
N MET D 22 7.79 3.11 -8.25
CA MET D 22 7.22 1.87 -8.83
C MET D 22 7.33 1.96 -10.36
N LYS D 23 7.10 3.09 -10.96
CA LYS D 23 7.29 3.16 -12.44
C LYS D 23 8.78 3.03 -12.82
N GLU D 24 9.74 3.53 -12.01
CA GLU D 24 11.19 3.38 -12.31
C GLU D 24 11.54 1.90 -12.17
N ILE D 25 11.02 1.23 -11.15
CA ILE D 25 11.31 -0.22 -11.01
C ILE D 25 10.71 -1.01 -12.19
N ALA D 26 9.44 -0.80 -12.54
CA ALA D 26 8.80 -1.39 -13.72
C ALA D 26 9.63 -1.10 -14.98
N GLN D 27 10.22 0.09 -15.14
CA GLN D 27 11.07 0.42 -16.33
C GLN D 27 12.32 -0.47 -16.36
N ALA D 28 12.97 -0.71 -15.21
CA ALA D 28 14.20 -1.50 -15.08
C ALA D 28 13.91 -2.93 -15.56
N MET D 29 12.67 -3.41 -15.32
CA MET D 29 12.30 -4.83 -15.47
C MET D 29 11.66 -5.11 -16.83
N LYS D 30 11.60 -4.14 -17.75
CA LYS D 30 11.00 -4.35 -19.11
C LYS D 30 12.02 -3.96 -20.22
N GLY D 31 11.90 -4.55 -21.42
CA GLY D 31 12.85 -4.35 -22.53
C GLY D 31 12.87 -2.91 -23.06
N NH2 D 32 11.82 -2.18 -23.22
C ACE E 1 -25.32 1.82 -2.61
O ACE E 1 -25.23 2.10 -3.80
CH3 ACE E 1 -25.86 0.48 -2.13
N GLY E 2 -25.01 2.64 -1.60
CA GLY E 2 -24.29 3.87 -1.96
C GLY E 2 -22.89 3.58 -2.45
N GLU E 3 -22.34 4.49 -3.26
CA GLU E 3 -21.02 4.33 -3.90
C GLU E 3 -19.90 4.35 -2.85
N ILE E 4 -19.97 5.15 -1.80
CA ILE E 4 -18.87 5.21 -0.80
CA ILE E 4 -18.82 5.20 -0.84
C ILE E 4 -18.79 3.87 -0.09
N ALA E 5 -19.93 3.35 0.36
CA ALA E 5 -19.99 2.00 1.02
C ALA E 5 -19.45 0.90 0.06
N GLN E 6 -19.84 0.93 -1.20
CA GLN E 6 -19.43 -0.09 -2.20
C GLN E 6 -17.90 0.01 -2.42
N ALA E 7 -17.36 1.25 -2.51
CA ALA E 7 -15.91 1.45 -2.69
C ALA E 7 -15.15 0.85 -1.50
N MET E 8 -15.59 1.09 -0.27
CA MET E 8 -14.89 0.54 0.92
CA MET E 8 -14.93 0.54 0.94
C MET E 8 -14.92 -1.00 0.94
N LYS E 9 -16.05 -1.59 0.56
CA LYS E 9 -16.16 -3.07 0.51
C LYS E 9 -15.23 -3.68 -0.54
N GLU E 10 -15.12 -3.02 -1.70
CA GLU E 10 -14.16 -3.46 -2.75
C GLU E 10 -12.70 -3.32 -2.25
N ILE E 11 -12.36 -2.21 -1.58
CA ILE E 11 -10.99 -1.97 -1.03
C ILE E 11 -10.70 -3.06 0.00
N ALA E 12 -11.68 -3.43 0.83
CA ALA E 12 -11.47 -4.55 1.80
C ALA E 12 -11.20 -5.90 1.09
N LYS E 13 -11.96 -6.26 0.07
CA LYS E 13 -11.79 -7.53 -0.68
C LYS E 13 -10.40 -7.57 -1.36
N ALA E 14 -9.96 -6.47 -1.98
CA ALA E 14 -8.63 -6.37 -2.64
C ALA E 14 -7.50 -6.49 -1.60
N MET E 15 -7.64 -5.85 -0.44
CA MET E 15 -6.63 -5.89 0.66
C MET E 15 -6.47 -7.34 1.18
N LYS E 16 -7.56 -8.08 1.32
CA LYS E 16 -7.54 -9.52 1.73
CA LYS E 16 -7.55 -9.52 1.72
C LYS E 16 -6.76 -10.36 0.69
N GLU E 17 -6.99 -10.15 -0.60
CA GLU E 17 -6.25 -10.83 -1.69
C GLU E 17 -4.75 -10.43 -1.63
N ILE E 18 -4.43 -9.15 -1.43
CA ILE E 18 -3.02 -8.68 -1.35
C ILE E 18 -2.35 -9.37 -0.15
N ALA E 19 -3.05 -9.47 0.98
CA ALA E 19 -2.51 -10.17 2.17
C ALA E 19 -2.20 -11.64 1.84
N TRP E 20 -3.09 -12.35 1.13
CA TRP E 20 -2.88 -13.77 0.76
C TRP E 20 -1.64 -13.92 -0.12
N ALA E 21 -1.47 -13.08 -1.16
CA ALA E 21 -0.34 -13.11 -2.10
C ALA E 21 0.96 -12.85 -1.34
N MET E 22 0.99 -11.84 -0.49
CA MET E 22 2.21 -11.43 0.26
C MET E 22 2.62 -12.57 1.20
N LYS E 23 1.66 -13.26 1.80
CA LYS E 23 2.01 -14.46 2.63
C LYS E 23 2.60 -15.57 1.73
N GLU E 24 2.08 -15.80 0.52
CA GLU E 24 2.67 -16.82 -0.39
C GLU E 24 4.14 -16.46 -0.70
N ILE E 25 4.38 -15.19 -1.02
CA ILE E 25 5.73 -14.70 -1.38
C ILE E 25 6.64 -14.85 -0.15
N ALA E 26 6.16 -14.49 1.03
CA ALA E 26 6.98 -14.67 2.26
C ALA E 26 7.35 -16.15 2.46
N GLN E 27 6.42 -17.06 2.24
CA GLN E 27 6.63 -18.53 2.39
C GLN E 27 7.71 -19.00 1.38
N ALA E 28 7.75 -18.48 0.15
CA ALA E 28 8.73 -18.84 -0.89
C ALA E 28 10.15 -18.38 -0.48
N MET E 29 10.29 -17.30 0.29
CA MET E 29 11.62 -16.70 0.59
CA MET E 29 11.56 -16.59 0.64
C MET E 29 12.05 -17.03 2.01
N LYS E 30 11.22 -17.73 2.75
CA LYS E 30 11.47 -17.97 4.19
C LYS E 30 12.52 -19.09 4.33
N GLY E 31 13.40 -18.92 5.33
CA GLY E 31 14.53 -19.81 5.65
C GLY E 31 14.49 -20.22 7.11
C ACE F 1 -4.98 12.46 20.40
O ACE F 1 -4.89 11.39 20.99
CH3 ACE F 1 -3.84 13.50 20.41
N GLY F 2 -6.07 12.82 19.74
CA GLY F 2 -7.26 11.90 19.71
C GLY F 2 -7.05 10.67 18.82
N GLU F 3 -7.99 9.72 18.89
CA GLU F 3 -7.90 8.38 18.26
C GLU F 3 -7.73 8.55 16.74
N ILE F 4 -8.50 9.42 16.11
CA ILE F 4 -8.45 9.56 14.62
C ILE F 4 -7.22 10.38 14.20
N ALA F 5 -6.99 11.54 14.80
CA ALA F 5 -5.87 12.47 14.44
C ALA F 5 -4.51 11.80 14.65
N GLN F 6 -4.29 11.14 15.77
CA GLN F 6 -3.01 10.49 16.07
C GLN F 6 -2.77 9.36 15.05
N ALA F 7 -3.79 8.51 14.75
CA ALA F 7 -3.67 7.39 13.81
C ALA F 7 -3.31 7.99 12.45
N MET F 8 -3.94 9.09 12.06
N MET F 8 -3.92 9.10 12.06
CA MET F 8 -3.64 9.72 10.73
CA MET F 8 -3.63 9.70 10.72
C MET F 8 -2.19 10.25 10.73
C MET F 8 -2.22 10.30 10.71
N LYS F 9 -1.73 10.85 11.83
CA LYS F 9 -0.35 11.39 11.89
CA LYS F 9 -0.35 11.40 11.86
C LYS F 9 0.65 10.25 11.70
N GLU F 10 0.37 9.08 12.31
CA GLU F 10 1.28 7.89 12.27
C GLU F 10 1.25 7.28 10.86
N ILE F 11 0.09 7.15 10.26
CA ILE F 11 -0.03 6.74 8.83
C ILE F 11 0.82 7.69 7.96
N ALA F 12 0.71 9.00 8.10
CA ALA F 12 1.50 9.97 7.29
C ALA F 12 3.01 9.74 7.49
N LYS F 13 3.49 9.59 8.73
CA LYS F 13 4.93 9.39 8.99
C LYS F 13 5.43 8.10 8.32
N ALA F 14 4.69 7.00 8.47
CA ALA F 14 5.02 5.68 7.85
C ALA F 14 5.04 5.82 6.32
N MET F 15 4.04 6.47 5.75
CA MET F 15 3.99 6.64 4.27
C MET F 15 5.24 7.40 3.76
N LYS F 16 5.71 8.47 4.44
CA LYS F 16 6.93 9.22 4.06
C LYS F 16 8.15 8.30 4.09
N GLU F 17 8.26 7.44 5.11
CA GLU F 17 9.38 6.49 5.23
CA GLU F 17 9.39 6.48 5.23
C GLU F 17 9.31 5.41 4.12
N ILE F 18 8.12 4.87 3.83
CA ILE F 18 7.93 3.91 2.71
C ILE F 18 8.34 4.61 1.40
N ALA F 19 8.00 5.87 1.19
CA ALA F 19 8.41 6.59 -0.07
C ALA F 19 9.94 6.70 -0.15
N TRP F 20 10.61 7.01 0.96
CA TRP F 20 12.08 7.17 1.01
C TRP F 20 12.71 5.82 0.65
N ALA F 21 12.19 4.71 1.20
CA ALA F 21 12.72 3.34 0.93
C ALA F 21 12.50 2.94 -0.54
N MET F 22 11.34 3.20 -1.08
CA MET F 22 11.05 2.84 -2.50
C MET F 22 11.97 3.64 -3.45
N LYS F 23 12.25 4.90 -3.16
CA LYS F 23 13.21 5.74 -3.95
C LYS F 23 14.63 5.13 -3.90
N GLU F 24 15.11 4.64 -2.76
CA GLU F 24 16.41 3.97 -2.64
C GLU F 24 16.44 2.69 -3.50
N ILE F 25 15.39 1.85 -3.39
CA ILE F 25 15.26 0.61 -4.21
C ILE F 25 15.26 0.99 -5.72
N ALA F 26 14.50 1.98 -6.14
CA ALA F 26 14.51 2.42 -7.55
C ALA F 26 15.92 2.84 -7.98
N GLN F 27 16.63 3.63 -7.17
CA GLN F 27 18.01 4.14 -7.49
C GLN F 27 18.99 2.96 -7.63
N ALA F 28 18.89 1.91 -6.81
CA ALA F 28 19.73 0.69 -6.92
C ALA F 28 19.53 -0.02 -8.28
N MET F 29 18.33 0.02 -8.84
CA MET F 29 17.94 -0.76 -10.05
CA MET F 29 17.91 -0.75 -10.05
C MET F 29 18.03 0.12 -11.31
N LYS F 30 18.48 1.35 -11.20
CA LYS F 30 18.59 2.31 -12.36
C LYS F 30 20.05 2.51 -12.81
N GLY F 31 20.27 2.64 -14.12
CA GLY F 31 21.59 2.43 -14.77
C GLY F 31 22.07 3.64 -15.52
C ACE G 1 -23.30 -4.06 9.95
O ACE G 1 -23.63 -4.47 8.87
CH3 ACE G 1 -23.40 -4.94 11.17
N GLY G 2 -22.82 -2.81 10.17
CA GLY G 2 -22.76 -1.87 9.05
C GLY G 2 -21.61 -2.14 8.10
N GLU G 3 -21.78 -1.79 6.84
CA GLU G 3 -20.83 -2.20 5.78
C GLU G 3 -19.54 -1.38 5.94
N ILE G 4 -19.60 -0.08 6.31
CA ILE G 4 -18.35 0.71 6.48
CA ILE G 4 -18.40 0.78 6.56
C ILE G 4 -17.55 0.19 7.70
N ALA G 5 -18.17 -0.08 8.84
CA ALA G 5 -17.40 -0.62 10.00
C ALA G 5 -16.77 -1.96 9.65
N GLN G 6 -17.52 -2.84 8.95
CA GLN G 6 -17.05 -4.20 8.56
C GLN G 6 -15.84 -4.05 7.60
N ALA G 7 -15.93 -3.18 6.61
CA ALA G 7 -14.83 -2.99 5.66
C ALA G 7 -13.58 -2.52 6.44
N MET G 8 -13.71 -1.53 7.32
CA MET G 8 -12.56 -0.98 8.10
CA MET G 8 -12.53 -0.99 8.04
C MET G 8 -11.92 -2.11 8.90
N LYS G 9 -12.73 -2.96 9.50
CA LYS G 9 -12.20 -4.10 10.30
C LYS G 9 -11.40 -5.07 9.41
N GLU G 10 -11.93 -5.39 8.22
CA GLU G 10 -11.30 -6.33 7.25
C GLU G 10 -10.01 -5.66 6.70
N ILE G 11 -10.02 -4.34 6.39
CA ILE G 11 -8.79 -3.62 5.98
C ILE G 11 -7.72 -3.71 7.09
N ALA G 12 -8.07 -3.49 8.34
CA ALA G 12 -7.09 -3.58 9.46
C ALA G 12 -6.49 -4.98 9.56
N LYS G 13 -7.31 -6.03 9.49
CA LYS G 13 -6.80 -7.44 9.63
C LYS G 13 -5.87 -7.76 8.43
N ALA G 14 -6.19 -7.29 7.24
CA ALA G 14 -5.34 -7.49 6.04
C ALA G 14 -3.96 -6.80 6.22
N MET G 15 -3.96 -5.56 6.71
CA MET G 15 -2.76 -4.69 6.88
C MET G 15 -1.85 -5.38 7.89
N LYS G 16 -2.42 -5.97 8.95
CA LYS G 16 -1.61 -6.71 9.95
CA LYS G 16 -1.62 -6.73 9.95
C LYS G 16 -0.94 -7.92 9.27
N GLU G 17 -1.65 -8.64 8.39
CA GLU G 17 -1.07 -9.81 7.69
C GLU G 17 0.05 -9.34 6.73
N ILE G 18 -0.19 -8.24 6.01
CA ILE G 18 0.83 -7.68 5.08
C ILE G 18 2.08 -7.27 5.87
N ALA G 19 1.93 -6.68 7.05
CA ALA G 19 3.08 -6.28 7.89
C ALA G 19 3.86 -7.52 8.31
N TRP G 20 3.17 -8.61 8.67
CA TRP G 20 3.85 -9.86 9.12
C TRP G 20 4.71 -10.41 7.96
N ALA G 21 4.11 -10.46 6.75
CA ALA G 21 4.75 -10.94 5.50
C ALA G 21 5.97 -10.06 5.16
N MET G 22 5.84 -8.74 5.24
CA MET G 22 6.96 -7.81 4.93
C MET G 22 8.11 -8.01 5.93
N LYS G 23 7.82 -8.26 7.20
CA LYS G 23 8.87 -8.55 8.21
CA LYS G 23 8.85 -8.57 8.23
C LYS G 23 9.61 -9.85 7.84
N GLU G 24 8.90 -10.91 7.43
CA GLU G 24 9.54 -12.21 7.03
C GLU G 24 10.48 -11.96 5.84
N ILE G 25 10.03 -11.19 4.84
CA ILE G 25 10.85 -10.91 3.64
C ILE G 25 12.11 -10.13 4.04
N ALA G 26 11.95 -9.07 4.85
CA ALA G 26 13.07 -8.24 5.34
C ALA G 26 14.05 -9.12 6.11
N GLN G 27 13.56 -10.02 6.94
CA GLN G 27 14.47 -10.92 7.72
C GLN G 27 15.28 -11.83 6.77
N ALA G 28 14.70 -12.30 5.67
CA ALA G 28 15.36 -13.15 4.64
C ALA G 28 16.50 -12.37 3.97
N MET G 29 16.32 -11.06 3.80
CA MET G 29 17.25 -10.22 2.98
CA MET G 29 17.22 -10.18 3.00
C MET G 29 18.28 -9.49 3.88
N LYS G 30 18.13 -9.54 5.20
CA LYS G 30 18.98 -8.81 6.18
C LYS G 30 20.32 -9.54 6.25
N GLY G 31 21.43 -8.79 6.05
CA GLY G 31 22.81 -9.31 6.07
C GLY G 31 23.21 -9.84 7.44
O1 MES H . -9.64 4.05 2.69
O1 MES H . -7.63 4.43 5.91
O1 MES H . -7.63 7.21 1.95
O1 MES H . -6.34 6.90 5.45
C2 MES H . -9.58 4.25 4.09
C2 MES H . -7.80 5.84 5.86
C2 MES H . -8.91 6.64 2.17
C2 MES H . -6.75 5.60 5.86
C3 MES H . -8.25 4.81 4.54
C3 MES H . -7.93 6.30 4.44
C3 MES H . -8.86 5.55 3.20
C3 MES H . -8.25 5.41 5.76
N4 MES H . -7.62 5.58 3.41
N4 MES H . -7.93 5.12 3.52
N4 MES H . -7.54 5.59 3.93
N4 MES H . -8.71 5.47 4.34
C5 MES H . -8.71 6.30 2.67
C5 MES H . -9.01 4.16 3.95
C5 MES H . -7.26 7.01 4.32
C5 MES H . -7.89 6.49 3.61
C6 MES H . -9.63 5.30 2.00
C6 MES H . -8.79 3.80 5.39
C6 MES H . -7.19 7.90 3.10
C6 MES H . -7.30 7.48 4.58
C7 MES H . -6.54 6.52 3.86
C7 MES H . -8.02 5.50 2.07
C7 MES H . -7.52 4.70 5.14
C7 MES H . -8.65 4.10 3.68
C8 MES H . -5.39 5.83 4.58
C8 MES H . -6.73 6.10 1.57
C8 MES H . -7.16 3.24 4.86
C8 MES H . -8.21 4.11 2.23
S MES H . -4.43 4.77 3.52
S MES H . -5.37 4.94 1.53
S MES H . -5.77 2.99 3.77
S MES H . -6.62 3.33 1.99
O1S MES H . -3.79 5.62 2.56
O1S MES H . -5.26 4.49 0.17
O1S MES H . -5.60 4.20 3.00
O1S MES H . -6.72 2.03 2.61
O2S MES H . -5.34 3.85 2.89
O2S MES H . -5.68 3.88 2.45
O2S MES H . -6.12 1.86 2.95
O2S MES H . -5.63 4.19 2.65
O3S MES H . -3.48 4.13 4.39
O3S MES H . -4.21 5.68 1.94
O3S MES H . -4.62 2.69 4.60
O3S MES H . -6.39 3.23 0.55
O1 MES I . -5.66 -7.98 -17.58
C2 MES I . -6.71 -8.95 -17.52
C3 MES I . -7.82 -8.50 -16.60
N4 MES I . -7.29 -8.12 -15.24
C5 MES I . -6.04 -7.30 -15.32
C6 MES I . -5.07 -7.87 -16.31
C7 MES I . -8.32 -7.35 -14.48
C8 MES I . -8.00 -7.31 -13.01
S MES I . -9.43 -7.77 -12.07
O1S MES I . -10.26 -8.50 -13.01
O2S MES I . -10.06 -6.54 -11.64
O3S MES I . -8.97 -8.60 -10.96
O1 MES J . 1.63 -4.25 -1.41
O1 MES J . 3.99 0.13 -1.37
O1 MES J . 3.41 -3.02 1.13
O1 MES J . 1.83 -1.70 -3.57
C2 MES J . 0.96 -3.58 -2.48
C2 MES J . 4.71 -0.72 -0.49
C2 MES J . 2.88 -3.79 0.07
C2 MES J . 3.07 -1.00 -3.59
C3 MES J . 1.80 -2.49 -3.08
C3 MES J . 3.85 -1.87 -0.01
C3 MES J . 2.54 -2.92 -1.12
C3 MES J . 3.67 -0.91 -2.20
N4 MES J . 2.13 -1.53 -2.00
N4 MES J . 2.64 -2.01 -0.88
N4 MES J . 3.06 -1.54 -0.90
N4 MES J . 2.78 -1.63 -1.23
C5 MES J . 2.93 -2.26 -0.98
C5 MES J . 3.03 -1.90 -2.31
C5 MES J . 4.50 -1.59 -0.50
C5 MES J . 2.55 -3.03 -1.69
C6 MES J . 2.05 -3.34 -0.41
C6 MES J . 3.67 -0.55 -2.58
C6 MES J . 4.65 -2.43 0.75
C6 MES J . 2.02 -3.03 -3.11
C7 MES J . 2.74 -0.23 -2.44
C7 MES J . 1.90 -3.29 -0.60
C7 MES J . 2.85 -0.63 -2.09
C7 MES J . 3.30 -1.57 0.18
C8 MES J . 1.85 0.94 -2.09
C8 MES J . 0.40 -3.10 -0.42
C8 MES J . 1.40 -0.51 -2.52
C8 MES J . 2.19 -1.41 1.20
S MES J . 1.30 0.92 -0.40
S MES J . -0.07 -1.58 0.39
S MES J . 0.37 0.42 -1.39
S MES J . 1.20 0.04 0.89
O1S MES J . 0.99 2.29 -0.06
O1S MES J . 1.10 -1.09 1.06
O1S MES J . -0.65 -0.50 -0.96
O1S MES J . 1.96 0.84 -0.02
O2S MES J . 0.15 0.07 -0.32
O2S MES J . -0.54 -0.71 -0.65
O2S MES J . 1.22 0.85 -0.32
O2S MES J . -0.04 -0.42 0.33
O3S MES J . 2.42 0.40 0.36
O3S MES J . -1.12 -1.94 1.31
O3S MES J . -0.17 1.53 -2.13
O3S MES J . 1.02 0.67 2.18
O1 MES K . 7.20 -5.93 -5.48
O1 MES K . 7.45 -5.41 -3.99
C2 MES K . 6.69 -6.68 -4.39
C2 MES K . 8.36 -5.06 -2.95
C3 MES K . 7.77 -7.04 -3.40
C3 MES K . 9.78 -4.95 -3.46
N4 MES K . 9.04 -6.35 -3.79
N4 MES K . 9.83 -5.28 -4.92
C5 MES K . 8.76 -4.90 -3.94
C5 MES K . 8.88 -4.38 -5.65
C6 MES K . 7.77 -4.69 -5.05
C6 MES K . 7.50 -4.47 -5.05
C7 MES K . 10.19 -6.60 -2.84
C7 MES K . 11.22 -5.21 -5.48
C8 MES K . 11.05 -7.72 -3.36
C8 MES K . 11.50 -6.29 -6.51
S MES K . 9.99 -8.97 -4.02
S MES K . 10.14 -7.44 -6.67
O1S MES K . 9.97 -10.02 -3.05
O1S MES K . 9.89 -7.92 -5.34
O2S MES K . 10.52 -9.39 -5.30
O2S MES K . 10.58 -8.48 -7.56
O3S MES K . 8.72 -8.32 -4.15
O3S MES K . 9.05 -6.69 -7.20
O1 MES L . -9.85 9.73 6.39
C2 MES L . -10.25 8.53 7.01
C3 MES L . -11.75 8.35 6.93
N4 MES L . -12.48 9.53 7.50
C5 MES L . -11.85 10.87 7.16
C6 MES L . -10.34 10.83 7.15
C7 MES L . -13.91 9.46 7.09
C8 MES L . -14.29 10.55 6.17
S MES L . -13.67 10.13 4.59
O1S MES L . -12.26 10.49 4.59
O2S MES L . -14.44 10.93 3.68
O3S MES L . -13.90 8.70 4.49
#